data_2GLQ
#
_entry.id   2GLQ
#
_cell.length_a   89.090
_cell.length_b   115.299
_cell.length_c   107.320
_cell.angle_alpha   90.00
_cell.angle_beta   90.00
_cell.angle_gamma   90.00
#
_symmetry.space_group_name_H-M   'C 2 2 21'
#
loop_
_entity.id
_entity.type
_entity.pdbx_description
1 polymer 'Alkaline phosphatase, placental type'
2 non-polymer 2-acetamido-2-deoxy-beta-D-glucopyranose
3 non-polymer 'ZINC ION'
4 non-polymer 'MAGNESIUM ION'
5 non-polymer 'STRONTIUM ION'
6 water water
#
_entity_poly.entity_id   1
_entity_poly.type   'polypeptide(L)'
_entity_poly.pdbx_seq_one_letter_code
;IIPVEEENPDFWNREAAEALGAAKKLQPAQTAAKNLIIFLGDGMGVSTVTAARILKGQKKDKLGPEIPLAMDRFPYVALS
KTYNVDKHVPD(SEP)GATATAYLCGVKGNFQTIGLSAAARFNQCNTTRGNEVISVMNRAKKAGKSVGVVTTTRVQHASP
AGTYAHTVNRNWYSDADVPASARQEGCQDIATQLISNMDIDVILGGGRKYMFRMGTPDPEYPDDYSQGGTRLDGKNLVQE
WLAKRQGARYVWNRTELMQASLDPSVTHLMGLFEPGDMKYEIHRDSTLDPSLMEMTEAALRLLSRNPRGFFLFVEGGRID
HGHHESRAYRALTETIMFDDAIERAGQLTSEEDTLSLVTADHSHVFSFGGYPLRGSSIFGLAPGKARDRKAYTVLLYGNG
PGYVLKDGARPDVTESESGSPEYRQQSAVPLDEETHAGEDVAVFARGPQAHLVHGVQEQTFIAHVMAFAACLEPYTACDL
APPAGTTD
;
_entity_poly.pdbx_strand_id   A
#
loop_
_chem_comp.id
_chem_comp.type
_chem_comp.name
_chem_comp.formula
MG non-polymer 'MAGNESIUM ION' 'Mg 2'
NAG D-saccharide, beta linking 2-acetamido-2-deoxy-beta-D-glucopyranose 'C8 H15 N O6'
SR non-polymer 'STRONTIUM ION' 'Sr 2'
ZN non-polymer 'ZINC ION' 'Zn 2'
#
# COMPACT_ATOMS: atom_id res chain seq x y z
N ILE A 1 -29.43 -7.68 -14.72
CA ILE A 1 -30.41 -8.52 -13.93
C ILE A 1 -31.02 -7.63 -12.86
N ILE A 2 -32.35 -7.66 -12.71
CA ILE A 2 -32.99 -6.99 -11.58
C ILE A 2 -33.29 -8.00 -10.48
N PRO A 3 -32.60 -7.95 -9.34
CA PRO A 3 -32.87 -8.93 -8.26
C PRO A 3 -34.25 -8.71 -7.66
N VAL A 4 -35.04 -9.77 -7.58
CA VAL A 4 -36.44 -9.65 -7.21
C VAL A 4 -36.64 -9.00 -5.85
N GLU A 5 -35.79 -9.35 -4.88
CA GLU A 5 -35.93 -8.82 -3.53
C GLU A 5 -35.82 -7.29 -3.49
N GLU A 6 -35.00 -6.73 -4.39
CA GLU A 6 -34.83 -5.28 -4.46
C GLU A 6 -35.97 -4.47 -5.12
N GLU A 7 -36.98 -5.14 -5.68
CA GLU A 7 -38.17 -4.46 -6.23
C GLU A 7 -39.16 -3.96 -5.17
N ASN A 8 -39.02 -4.46 -3.96
CA ASN A 8 -39.90 -4.14 -2.82
C ASN A 8 -39.25 -3.01 -2.01
N PRO A 9 -39.92 -1.87 -1.83
CA PRO A 9 -39.35 -0.76 -1.04
C PRO A 9 -38.94 -1.14 0.37
N ASP A 10 -39.69 -2.07 0.97
CA ASP A 10 -39.36 -2.64 2.27
C ASP A 10 -37.93 -3.14 2.37
N PHE A 11 -37.37 -3.70 1.30
CA PHE A 11 -35.98 -4.15 1.32
C PHE A 11 -35.04 -2.98 1.66
N TRP A 12 -35.26 -1.85 0.99
CA TRP A 12 -34.42 -0.68 1.14
C TRP A 12 -34.71 0.02 2.44
N ASN A 13 -35.99 0.04 2.82
CA ASN A 13 -36.38 0.67 4.08
C ASN A 13 -35.83 -0.08 5.30
N ARG A 14 -35.83 -1.41 5.26
CA ARG A 14 -35.25 -2.24 6.30
C ARG A 14 -33.74 -2.00 6.41
N GLU A 15 -33.03 -2.00 5.30
CA GLU A 15 -31.58 -1.82 5.26
C GLU A 15 -31.21 -0.48 5.85
N ALA A 16 -31.97 0.54 5.48
CA ALA A 16 -31.68 1.90 5.95
C ALA A 16 -31.97 2.05 7.42
N ALA A 17 -33.05 1.43 7.89
CA ALA A 17 -33.36 1.44 9.31
C ALA A 17 -32.23 0.76 10.13
N GLU A 18 -31.66 -0.32 9.61
CA GLU A 18 -30.55 -1.02 10.25
C GLU A 18 -29.29 -0.15 10.25
N ALA A 19 -29.07 0.56 9.14
CA ALA A 19 -27.93 1.45 9.03
C ALA A 19 -28.07 2.58 10.02
N LEU A 20 -29.28 3.13 10.19
CA LEU A 20 -29.45 4.22 11.18
C LEU A 20 -29.19 3.68 12.59
N GLY A 21 -29.65 2.48 12.87
CA GLY A 21 -29.46 1.89 14.18
C GLY A 21 -27.99 1.72 14.48
N ALA A 22 -27.20 1.29 13.48
CA ALA A 22 -25.78 1.06 13.69
C ALA A 22 -25.07 2.43 13.88
N ALA A 23 -25.53 3.45 13.16
CA ALA A 23 -24.91 4.78 13.23
C ALA A 23 -25.10 5.35 14.63
N LYS A 24 -26.27 5.13 15.21
CA LYS A 24 -26.62 5.64 16.53
C LYS A 24 -25.85 4.93 17.64
N LYS A 25 -25.47 3.67 17.41
CA LYS A 25 -24.75 2.92 18.44
C LYS A 25 -23.29 3.36 18.57
N LEU A 26 -22.73 4.01 17.55
CA LEU A 26 -21.31 4.20 17.64
C LEU A 26 -20.97 5.34 18.65
N GLN A 27 -19.91 5.13 19.42
CA GLN A 27 -19.51 6.00 20.52
C GLN A 27 -18.00 6.12 20.52
N PRO A 28 -17.51 7.32 20.82
CA PRO A 28 -16.06 7.58 20.89
C PRO A 28 -15.42 6.89 22.09
N ALA A 29 -14.19 6.41 21.94
CA ALA A 29 -13.41 5.86 23.05
C ALA A 29 -12.75 6.98 23.84
N GLN A 30 -12.56 6.75 25.13
CA GLN A 30 -11.76 7.62 26.00
C GLN A 30 -10.34 7.09 26.20
N THR A 31 -10.07 5.92 25.62
CA THR A 31 -8.82 5.21 25.85
C THR A 31 -7.90 5.32 24.62
N ALA A 32 -6.62 5.13 24.89
CA ALA A 32 -5.57 5.16 23.86
C ALA A 32 -5.55 3.86 23.04
N ALA A 33 -4.84 3.93 21.91
CA ALA A 33 -4.48 2.77 21.14
C ALA A 33 -3.19 2.16 21.69
N LYS A 34 -3.23 0.86 22.01
CA LYS A 34 -2.03 0.05 22.23
C LYS A 34 -1.28 -0.22 20.91
N ASN A 35 -2.05 -0.53 19.88
CA ASN A 35 -1.48 -0.87 18.59
C ASN A 35 -1.97 0.06 17.50
N LEU A 36 -1.14 0.21 16.50
CA LEU A 36 -1.44 1.00 15.31
C LEU A 36 -1.18 0.20 14.07
N ILE A 37 -2.11 0.25 13.12
CA ILE A 37 -1.87 -0.34 11.80
C ILE A 37 -2.33 0.64 10.74
N ILE A 38 -1.48 0.86 9.75
CA ILE A 38 -1.87 1.59 8.58
C ILE A 38 -1.77 0.64 7.41
N PHE A 39 -2.89 0.49 6.73
CA PHE A 39 -2.99 -0.27 5.50
C PHE A 39 -3.02 0.71 4.34
N LEU A 40 -2.00 0.65 3.50
CA LEU A 40 -1.78 1.58 2.37
C LEU A 40 -1.98 0.90 1.03
N GLY A 41 -3.06 1.28 0.36
CA GLY A 41 -3.34 0.84 -1.00
C GLY A 41 -2.71 1.80 -1.98
N ASP A 42 -1.59 1.41 -2.55
CA ASP A 42 -0.86 2.35 -3.35
C ASP A 42 -1.65 2.56 -4.66
N GLY A 43 -2.16 3.76 -4.89
CA GLY A 43 -2.88 4.07 -6.11
C GLY A 43 -4.39 3.77 -5.99
N MET A 44 -4.83 3.40 -4.80
CA MET A 44 -6.19 2.92 -4.60
C MET A 44 -7.19 4.09 -4.32
N GLY A 45 -7.52 4.81 -5.36
CA GLY A 45 -8.50 5.88 -5.28
C GLY A 45 -9.93 5.37 -5.25
N VAL A 46 -10.86 6.30 -5.22
CA VAL A 46 -12.29 5.95 -5.04
C VAL A 46 -12.81 5.05 -6.17
N SER A 47 -12.41 5.35 -7.41
CA SER A 47 -12.88 4.53 -8.55
C SER A 47 -12.32 3.11 -8.44
N THR A 48 -11.11 2.97 -7.91
CA THR A 48 -10.52 1.64 -7.70
C THR A 48 -11.27 0.86 -6.67
N VAL A 49 -11.65 1.51 -5.58
CA VAL A 49 -12.35 0.83 -4.48
C VAL A 49 -13.69 0.29 -5.01
N THR A 50 -14.43 1.15 -5.69
CA THR A 50 -15.74 0.74 -6.21
C THR A 50 -15.63 -0.42 -7.20
N ALA A 51 -14.73 -0.26 -8.17
CA ALA A 51 -14.56 -1.35 -9.16
C ALA A 51 -14.11 -2.66 -8.50
N ALA A 52 -13.21 -2.58 -7.53
CA ALA A 52 -12.80 -3.76 -6.76
C ALA A 52 -13.97 -4.39 -5.99
N ARG A 53 -14.84 -3.56 -5.42
CA ARG A 53 -16.01 -4.06 -4.72
C ARG A 53 -16.86 -4.93 -5.63
N ILE A 54 -17.08 -4.47 -6.86
CA ILE A 54 -17.96 -5.15 -7.77
C ILE A 54 -17.28 -6.48 -8.14
N LEU A 55 -16.00 -6.45 -8.46
CA LEU A 55 -15.28 -7.67 -8.81
C LEU A 55 -15.30 -8.68 -7.66
N LYS A 56 -15.05 -8.24 -6.44
CA LYS A 56 -14.98 -9.14 -5.28
C LYS A 56 -16.37 -9.73 -5.01
N GLY A 57 -17.43 -8.92 -5.18
CA GLY A 57 -18.79 -9.36 -4.95
C GLY A 57 -19.15 -10.45 -5.94
N GLN A 58 -18.72 -10.30 -7.20
CA GLN A 58 -19.00 -11.29 -8.22
C GLN A 58 -18.21 -12.58 -8.03
N LYS A 59 -17.00 -12.48 -7.49
CA LYS A 59 -16.14 -13.66 -7.24
C LYS A 59 -16.75 -14.51 -6.15
N LYS A 60 -17.51 -13.88 -5.26
CA LYS A 60 -18.38 -14.60 -4.36
C LYS A 60 -19.61 -14.95 -5.21
N ASP A 61 -20.74 -15.26 -4.63
CA ASP A 61 -21.78 -15.69 -5.57
C ASP A 61 -22.71 -14.54 -6.06
N LYS A 62 -22.25 -13.27 -6.10
CA LYS A 62 -23.20 -12.13 -6.06
C LYS A 62 -23.19 -11.15 -7.25
N LEU A 63 -24.10 -10.19 -7.22
CA LEU A 63 -24.22 -9.26 -8.35
C LEU A 63 -23.07 -8.23 -8.39
N GLY A 64 -22.57 -7.88 -7.21
CA GLY A 64 -21.37 -7.07 -7.09
C GLY A 64 -21.47 -5.88 -6.15
N PRO A 65 -22.10 -4.80 -6.60
CA PRO A 65 -22.00 -3.50 -5.88
C PRO A 65 -22.64 -3.47 -4.51
N GLU A 66 -23.52 -4.43 -4.22
CA GLU A 66 -24.19 -4.50 -2.92
C GLU A 66 -23.37 -5.13 -1.78
N ILE A 67 -22.30 -5.84 -2.12
CA ILE A 67 -21.55 -6.64 -1.15
C ILE A 67 -20.41 -5.76 -0.60
N PRO A 68 -20.38 -5.46 0.70
CA PRO A 68 -19.27 -4.67 1.24
C PRO A 68 -17.88 -5.35 1.20
N LEU A 69 -16.87 -4.57 0.84
CA LEU A 69 -15.47 -4.91 1.11
C LEU A 69 -15.23 -4.84 2.61
N ALA A 70 -14.18 -5.49 3.09
CA ALA A 70 -13.83 -5.39 4.52
C ALA A 70 -13.57 -3.90 4.91
N MET A 71 -12.96 -3.13 4.03
CA MET A 71 -12.67 -1.72 4.31
C MET A 71 -13.96 -0.92 4.43
N ASP A 72 -15.00 -1.31 3.69
CA ASP A 72 -16.28 -0.62 3.69
C ASP A 72 -16.97 -0.74 5.05
N ARG A 73 -16.55 -1.69 5.89
CA ARG A 73 -17.19 -1.91 7.17
C ARG A 73 -16.58 -1.02 8.27
N PHE A 74 -15.52 -0.29 7.96
CA PHE A 74 -14.88 0.63 8.91
C PHE A 74 -15.88 1.76 9.15
N PRO A 75 -16.13 2.15 10.39
CA PRO A 75 -17.16 3.16 10.69
C PRO A 75 -16.84 4.59 10.29
N TYR A 76 -15.58 4.99 10.28
CA TYR A 76 -15.25 6.41 10.08
C TYR A 76 -14.49 6.61 8.78
N VAL A 77 -14.99 7.56 7.99
CA VAL A 77 -14.44 7.88 6.70
C VAL A 77 -14.11 9.39 6.66
N ALA A 78 -12.98 9.73 6.05
CA ALA A 78 -12.61 11.12 5.72
C ALA A 78 -12.07 11.16 4.29
N LEU A 79 -12.01 12.35 3.71
CA LEU A 79 -11.29 12.52 2.44
C LEU A 79 -9.95 13.15 2.76
N SER A 80 -8.94 12.75 2.01
CA SER A 80 -7.56 13.16 2.23
C SER A 80 -7.04 13.88 1.01
N LYS A 81 -6.48 15.09 1.20
CA LYS A 81 -5.93 15.89 0.12
C LYS A 81 -4.45 15.53 -0.09
N THR A 82 -4.11 15.08 -1.28
CA THR A 82 -2.81 14.39 -1.53
C THR A 82 -1.70 15.21 -2.17
N TYR A 83 -1.98 16.45 -2.54
CA TYR A 83 -0.99 17.30 -3.19
C TYR A 83 0.33 17.29 -2.44
N ASN A 84 1.43 17.22 -3.19
CA ASN A 84 2.76 17.49 -2.62
C ASN A 84 3.00 19.00 -2.63
N VAL A 85 4.04 19.48 -1.93
CA VAL A 85 4.23 20.93 -1.83
C VAL A 85 4.46 21.51 -3.21
N ASP A 86 5.21 20.81 -4.05
CA ASP A 86 5.61 21.31 -5.36
C ASP A 86 4.77 20.86 -6.56
N LYS A 87 3.86 19.88 -6.39
CA LYS A 87 3.13 19.27 -7.50
C LYS A 87 1.72 18.91 -7.06
N HIS A 88 0.73 19.28 -7.87
CA HIS A 88 -0.67 18.96 -7.54
C HIS A 88 -0.95 17.48 -7.59
N VAL A 89 -0.32 16.77 -8.54
CA VAL A 89 -0.49 15.31 -8.64
C VAL A 89 0.78 14.68 -8.09
N PRO A 90 0.68 13.97 -6.97
CA PRO A 90 1.85 13.60 -6.17
C PRO A 90 2.48 12.26 -6.58
N ASP A 91 3.63 11.97 -5.99
CA ASP A 91 4.25 10.62 -6.06
C ASP A 91 4.18 9.94 -4.71
N SEP A 92 4.61 8.69 -4.69
CA SEP A 92 4.52 7.86 -3.48
CB SEP A 92 4.77 6.41 -3.82
OG SEP A 92 3.93 5.95 -4.87
C SEP A 92 5.49 8.27 -2.40
O SEP A 92 5.21 8.00 -1.25
P SEP A 92 4.44 5.61 -6.45
O1P SEP A 92 2.98 5.18 -6.86
O2P SEP A 92 4.94 6.91 -6.93
O3P SEP A 92 5.46 4.48 -6.28
N GLY A 93 6.65 8.81 -2.75
CA GLY A 93 7.65 9.18 -1.76
C GLY A 93 7.16 10.32 -0.90
N ALA A 94 6.75 11.40 -1.55
CA ALA A 94 6.35 12.59 -0.79
C ALA A 94 5.02 12.48 -0.09
N THR A 95 4.10 11.68 -0.62
CA THR A 95 2.88 11.35 0.08
C THR A 95 3.22 10.52 1.35
N ALA A 96 4.17 9.59 1.24
CA ALA A 96 4.61 8.79 2.39
C ALA A 96 5.08 9.70 3.51
N THR A 97 5.79 10.76 3.14
CA THR A 97 6.24 11.69 4.16
C THR A 97 5.03 12.28 4.91
N ALA A 98 3.99 12.62 4.16
CA ALA A 98 2.77 13.14 4.76
C ALA A 98 2.06 12.12 5.64
N TYR A 99 1.74 10.93 5.15
CA TYR A 99 0.88 10.03 5.95
C TYR A 99 1.67 9.21 7.00
N LEU A 100 3.02 9.21 6.92
CA LEU A 100 3.84 8.45 7.90
C LEU A 100 4.65 9.37 8.79
N CYS A 101 5.03 10.54 8.30
CA CYS A 101 5.78 11.54 9.09
C CYS A 101 5.00 12.79 9.49
N GLY A 102 3.85 13.05 8.85
CA GLY A 102 3.01 14.16 9.25
C GLY A 102 3.41 15.53 8.72
N VAL A 103 4.20 15.55 7.64
CA VAL A 103 4.72 16.75 7.05
C VAL A 103 4.68 16.54 5.54
N LYS A 104 4.21 17.53 4.78
CA LYS A 104 4.29 17.40 3.31
C LYS A 104 5.69 17.69 2.78
N GLY A 105 6.02 17.04 1.68
CA GLY A 105 7.33 17.16 1.07
C GLY A 105 7.22 17.39 -0.43
N ASN A 106 8.39 17.48 -1.04
CA ASN A 106 8.53 17.58 -2.48
C ASN A 106 8.59 16.23 -3.18
N PHE A 107 7.89 16.17 -4.31
CA PHE A 107 7.87 15.05 -5.25
C PHE A 107 9.21 14.31 -5.33
N GLN A 108 9.15 12.99 -5.12
CA GLN A 108 10.23 12.03 -5.29
C GLN A 108 11.31 12.07 -4.20
N THR A 109 11.07 12.84 -3.13
CA THR A 109 11.83 12.72 -1.87
C THR A 109 11.03 11.92 -0.86
N ILE A 110 11.72 11.42 0.15
CA ILE A 110 11.12 10.61 1.21
C ILE A 110 11.65 11.03 2.56
N GLY A 111 10.74 11.25 3.50
CA GLY A 111 11.08 11.56 4.88
C GLY A 111 11.85 12.86 5.07
N LEU A 112 11.59 13.83 4.18
CA LEU A 112 12.21 15.16 4.28
C LEU A 112 11.16 16.24 4.17
N SER A 113 11.38 17.32 4.87
CA SER A 113 10.59 18.53 4.65
C SER A 113 10.77 19.09 3.22
N ALA A 114 9.93 20.04 2.86
CA ALA A 114 10.02 20.61 1.52
C ALA A 114 11.14 21.65 1.40
N ALA A 115 11.96 21.82 2.43
CA ALA A 115 13.19 22.62 2.30
C ALA A 115 14.25 21.87 1.50
N ALA A 116 14.12 20.55 1.44
CA ALA A 116 15.03 19.72 0.66
C ALA A 116 14.62 19.81 -0.79
N ARG A 117 15.52 19.39 -1.69
CA ARG A 117 15.26 19.39 -3.13
C ARG A 117 15.60 18.05 -3.74
N PHE A 118 14.76 17.60 -4.66
CA PHE A 118 14.97 16.34 -5.33
C PHE A 118 16.37 16.26 -5.92
N ASN A 119 17.04 15.14 -5.66
CA ASN A 119 18.31 14.79 -6.23
C ASN A 119 19.44 15.76 -5.90
N GLN A 120 19.31 16.47 -4.79
CA GLN A 120 20.37 17.39 -4.29
C GLN A 120 20.76 16.96 -2.87
N CYS A 121 21.74 16.07 -2.82
CA CYS A 121 22.16 15.45 -1.56
C CYS A 121 22.49 16.49 -0.49
N ASN A 122 23.09 17.59 -0.92
CA ASN A 122 23.51 18.66 -0.04
C ASN A 122 22.37 19.50 0.57
N THR A 123 21.11 19.18 0.27
CA THR A 123 19.96 19.81 0.92
C THR A 123 19.28 18.90 1.93
N THR A 124 19.91 17.79 2.29
CA THR A 124 19.27 16.80 3.15
C THR A 124 19.27 17.19 4.61
N ARG A 125 20.46 17.50 5.13
CA ARG A 125 20.62 17.57 6.57
C ARG A 125 19.93 18.80 7.14
N GLY A 126 19.23 18.60 8.25
CA GLY A 126 18.38 19.63 8.82
C GLY A 126 16.92 19.44 8.44
N ASN A 127 16.65 18.66 7.41
CA ASN A 127 15.30 18.54 6.86
C ASN A 127 14.64 17.17 7.10
N GLU A 128 15.28 16.33 7.89
CA GLU A 128 14.75 15.01 8.20
C GLU A 128 13.54 15.17 9.10
N VAL A 129 12.49 14.44 8.77
CA VAL A 129 11.31 14.41 9.61
C VAL A 129 11.05 12.96 9.96
N ILE A 130 10.80 12.71 11.25
CA ILE A 130 10.78 11.39 11.81
C ILE A 130 9.39 10.77 11.75
N SER A 131 9.32 9.51 11.37
CA SER A 131 8.05 8.85 11.13
C SER A 131 7.39 8.45 12.43
N VAL A 132 6.09 8.21 12.36
CA VAL A 132 5.45 7.71 13.56
C VAL A 132 5.87 6.27 13.89
N MET A 133 6.32 5.49 12.91
CA MET A 133 6.89 4.19 13.23
C MET A 133 8.14 4.33 14.08
N ASN A 134 9.01 5.26 13.69
CA ASN A 134 10.23 5.54 14.46
C ASN A 134 9.88 5.95 15.91
N ARG A 135 8.89 6.82 16.04
CA ARG A 135 8.41 7.26 17.34
C ARG A 135 7.78 6.12 18.17
N ALA A 136 7.07 5.19 17.52
CA ALA A 136 6.53 4.03 18.18
C ALA A 136 7.66 3.15 18.74
N LYS A 137 8.69 2.88 17.95
CA LYS A 137 9.87 2.18 18.41
C LYS A 137 10.51 2.89 19.62
N LYS A 138 10.68 4.20 19.54
CA LYS A 138 11.30 4.96 20.63
C LYS A 138 10.49 4.73 21.92
N ALA A 139 9.18 4.55 21.80
CA ALA A 139 8.31 4.33 22.94
C ALA A 139 8.21 2.86 23.35
N GLY A 140 9.02 1.99 22.75
CA GLY A 140 9.12 0.60 23.17
C GLY A 140 8.20 -0.38 22.47
N LYS A 141 7.47 0.10 21.47
CA LYS A 141 6.65 -0.78 20.65
C LYS A 141 7.46 -1.60 19.64
N SER A 142 6.96 -2.77 19.26
CA SER A 142 7.53 -3.47 18.15
C SER A 142 7.01 -2.84 16.86
N VAL A 143 7.81 -2.89 15.80
CA VAL A 143 7.39 -2.26 14.53
C VAL A 143 7.66 -3.17 13.33
N GLY A 144 6.75 -3.13 12.35
CA GLY A 144 6.86 -3.98 11.20
C GLY A 144 6.44 -3.25 9.92
N VAL A 145 7.08 -3.65 8.83
CA VAL A 145 6.84 -3.13 7.48
C VAL A 145 6.58 -4.35 6.61
N VAL A 146 5.38 -4.42 6.00
CA VAL A 146 4.96 -5.52 5.10
C VAL A 146 4.48 -4.90 3.78
N THR A 147 5.02 -5.36 2.64
CA THR A 147 4.58 -4.87 1.33
C THR A 147 4.78 -5.86 0.24
N THR A 148 3.98 -5.76 -0.82
CA THR A 148 4.24 -6.53 -2.05
C THR A 148 5.27 -5.89 -2.97
N THR A 149 5.71 -4.67 -2.71
CA THR A 149 6.88 -4.12 -3.42
C THR A 149 8.20 -4.50 -2.75
N ARG A 150 9.29 -4.09 -3.39
CA ARG A 150 10.59 -3.92 -2.72
C ARG A 150 10.38 -3.22 -1.40
N VAL A 151 11.05 -3.67 -0.34
CA VAL A 151 10.92 -3.04 0.98
C VAL A 151 11.65 -1.67 1.02
N GLN A 152 12.46 -1.44 -0.01
CA GLN A 152 13.14 -0.17 -0.29
C GLN A 152 12.39 0.78 -1.21
N HIS A 153 11.23 0.38 -1.66
CA HIS A 153 10.38 1.23 -2.48
C HIS A 153 9.80 2.40 -1.66
N ALA A 154 9.22 3.39 -2.33
CA ALA A 154 8.95 4.72 -1.76
C ALA A 154 8.04 4.64 -0.52
N SER A 155 6.95 3.88 -0.61
CA SER A 155 5.99 3.75 0.48
C SER A 155 6.60 3.17 1.78
N PRO A 156 7.14 1.95 1.76
CA PRO A 156 7.73 1.40 2.97
C PRO A 156 8.93 2.25 3.46
N ALA A 157 9.66 2.82 2.53
CA ALA A 157 10.81 3.64 2.92
C ALA A 157 10.42 4.84 3.74
N GLY A 158 9.18 5.30 3.60
CA GLY A 158 8.70 6.45 4.35
C GLY A 158 8.71 6.17 5.85
N THR A 159 8.63 4.89 6.22
CA THR A 159 8.64 4.53 7.63
C THR A 159 9.98 4.68 8.30
N TYR A 160 11.08 4.65 7.52
CA TYR A 160 12.42 4.58 8.10
C TYR A 160 13.48 5.46 7.45
N ALA A 161 13.28 5.92 6.22
CA ALA A 161 14.35 6.53 5.41
C ALA A 161 14.16 8.04 5.28
N HIS A 162 15.27 8.71 4.96
CA HIS A 162 15.29 10.14 4.68
C HIS A 162 16.17 10.23 3.47
N THR A 163 15.60 10.59 2.32
CA THR A 163 16.42 10.73 1.11
C THR A 163 15.84 11.75 0.11
N VAL A 164 16.75 12.44 -0.58
CA VAL A 164 16.36 13.37 -1.62
C VAL A 164 16.05 12.63 -2.92
N ASN A 165 16.24 11.33 -2.98
CA ASN A 165 15.93 10.62 -4.23
C ASN A 165 15.47 9.19 -4.00
N ARG A 166 14.18 8.96 -4.23
CA ARG A 166 13.57 7.67 -4.02
C ARG A 166 14.19 6.56 -4.89
N ASN A 167 14.89 6.93 -5.93
CA ASN A 167 15.51 5.96 -6.82
C ASN A 167 16.82 5.35 -6.33
N TRP A 168 17.30 5.80 -5.16
CA TRP A 168 18.58 5.35 -4.63
C TRP A 168 18.41 4.10 -3.80
N TYR A 169 17.99 3.03 -4.45
CA TYR A 169 17.74 1.77 -3.76
C TYR A 169 19.00 1.15 -3.13
N SER A 170 20.07 1.07 -3.92
CA SER A 170 21.35 0.55 -3.38
C SER A 170 22.44 1.54 -3.71
N ASP A 171 23.65 1.29 -3.22
CA ASP A 171 24.75 2.20 -3.56
C ASP A 171 25.07 2.32 -5.07
N ALA A 172 24.77 1.30 -5.85
CA ALA A 172 24.86 1.35 -7.32
C ALA A 172 24.08 2.47 -8.00
N ASP A 173 23.02 2.93 -7.34
CA ASP A 173 22.17 4.00 -7.82
C ASP A 173 22.62 5.42 -7.44
N VAL A 174 23.44 5.54 -6.39
CA VAL A 174 23.80 6.83 -5.85
C VAL A 174 25.03 7.37 -6.60
N PRO A 175 24.95 8.59 -7.13
CA PRO A 175 26.11 9.19 -7.82
C PRO A 175 27.29 9.35 -6.88
N ALA A 176 28.49 9.27 -7.42
CA ALA A 176 29.70 9.31 -6.61
C ALA A 176 29.74 10.53 -5.70
N SER A 177 29.34 11.70 -6.20
CA SER A 177 29.35 12.91 -5.36
C SER A 177 28.45 12.76 -4.15
N ALA A 178 27.26 12.16 -4.33
CA ALA A 178 26.38 11.98 -3.20
C ALA A 178 26.88 10.94 -2.21
N ARG A 179 27.51 9.88 -2.70
CA ARG A 179 28.15 8.89 -1.81
C ARG A 179 29.23 9.57 -0.96
N GLN A 180 30.06 10.39 -1.61
CA GLN A 180 31.10 11.16 -0.91
C GLN A 180 30.47 12.08 0.17
N GLU A 181 29.31 12.65 -0.12
CA GLU A 181 28.63 13.55 0.82
C GLU A 181 27.87 12.84 1.91
N GLY A 182 27.87 11.51 1.90
CA GLY A 182 27.31 10.71 2.98
C GLY A 182 25.83 10.37 2.85
N CYS A 183 25.25 10.51 1.67
CA CYS A 183 23.84 10.18 1.48
C CYS A 183 23.83 8.66 1.32
N GLN A 184 23.16 7.98 2.23
CA GLN A 184 23.10 6.53 2.25
C GLN A 184 21.97 6.06 1.34
N ASP A 185 22.22 4.96 0.63
CA ASP A 185 21.17 4.32 -0.16
C ASP A 185 20.09 3.77 0.74
N ILE A 186 18.93 3.49 0.17
CA ILE A 186 17.77 3.11 1.02
C ILE A 186 17.97 1.74 1.69
N ALA A 187 18.56 0.78 0.97
CA ALA A 187 18.83 -0.52 1.57
C ALA A 187 19.69 -0.38 2.82
N THR A 188 20.72 0.46 2.77
CA THR A 188 21.53 0.74 3.97
C THR A 188 20.69 1.37 5.08
N GLN A 189 19.89 2.36 4.72
CA GLN A 189 19.01 3.01 5.68
C GLN A 189 18.05 2.03 6.36
N LEU A 190 17.57 1.04 5.61
CA LEU A 190 16.70 0.01 6.11
C LEU A 190 17.30 -0.73 7.32
N ILE A 191 18.60 -1.05 7.27
CA ILE A 191 19.22 -1.79 8.37
C ILE A 191 19.84 -0.91 9.44
N SER A 192 20.04 0.36 9.15
CA SER A 192 20.87 1.19 9.98
C SER A 192 20.14 2.34 10.72
N ASN A 193 19.07 2.91 10.15
CA ASN A 193 18.46 4.10 10.76
C ASN A 193 17.77 3.79 12.11
N MET A 194 17.08 2.66 12.17
CA MET A 194 16.30 2.29 13.33
C MET A 194 16.12 0.79 13.37
N ASP A 195 15.80 0.30 14.55
CA ASP A 195 15.49 -1.11 14.72
C ASP A 195 14.08 -1.38 14.21
N ILE A 196 13.95 -2.36 13.32
CA ILE A 196 12.64 -2.79 12.75
C ILE A 196 12.50 -4.27 13.06
N ASP A 197 11.44 -4.66 13.74
CA ASP A 197 11.29 -6.05 14.18
C ASP A 197 10.90 -6.99 13.06
N VAL A 198 10.10 -6.50 12.12
CA VAL A 198 9.63 -7.37 11.05
C VAL A 198 9.70 -6.57 9.74
N ILE A 199 10.37 -7.15 8.74
CA ILE A 199 10.55 -6.57 7.41
C ILE A 199 10.19 -7.64 6.36
N LEU A 200 9.12 -7.46 5.60
CA LEU A 200 8.62 -8.50 4.69
C LEU A 200 8.23 -7.85 3.36
N GLY A 201 8.79 -8.38 2.27
CA GLY A 201 8.44 -7.92 0.95
C GLY A 201 9.49 -8.33 -0.05
N GLY A 202 9.68 -7.53 -1.09
CA GLY A 202 10.67 -7.80 -2.13
C GLY A 202 11.97 -7.08 -1.84
N GLY A 203 12.90 -7.12 -2.78
CA GLY A 203 14.11 -6.29 -2.72
C GLY A 203 15.38 -7.01 -2.27
N ARG A 204 15.48 -8.31 -2.50
CA ARG A 204 16.71 -9.02 -2.20
C ARG A 204 17.95 -8.40 -2.79
N LYS A 205 17.86 -7.94 -4.03
CA LYS A 205 19.06 -7.68 -4.84
C LYS A 205 19.90 -6.51 -4.34
N TYR A 206 19.25 -5.57 -3.66
CA TYR A 206 19.91 -4.39 -3.13
C TYR A 206 20.70 -4.62 -1.87
N MET A 207 20.58 -5.79 -1.29
CA MET A 207 21.20 -6.13 -0.02
C MET A 207 22.54 -6.86 -0.15
N PHE A 208 22.90 -7.21 -1.37
CA PHE A 208 24.02 -8.12 -1.58
C PHE A 208 24.99 -7.57 -2.63
N ARG A 209 26.27 -7.92 -2.48
CA ARG A 209 27.29 -7.42 -3.39
C ARG A 209 27.09 -7.93 -4.82
N MET A 210 27.46 -7.08 -5.76
CA MET A 210 27.47 -7.40 -7.17
C MET A 210 28.17 -8.75 -7.36
N GLY A 211 27.52 -9.62 -8.11
CA GLY A 211 27.97 -11.00 -8.29
C GLY A 211 27.31 -12.04 -7.42
N THR A 212 26.53 -11.65 -6.43
CA THR A 212 25.87 -12.60 -5.56
C THR A 212 24.63 -13.18 -6.26
N PRO A 213 24.63 -14.48 -6.55
CA PRO A 213 23.45 -15.08 -7.17
C PRO A 213 22.21 -14.95 -6.28
N ASP A 214 21.09 -14.65 -6.88
CA ASP A 214 19.80 -14.73 -6.17
C ASP A 214 19.49 -16.21 -5.87
N PRO A 215 18.95 -16.53 -4.68
CA PRO A 215 18.66 -17.92 -4.31
C PRO A 215 17.60 -18.57 -5.14
N GLU A 216 16.70 -17.80 -5.73
CA GLU A 216 15.64 -18.35 -6.55
C GLU A 216 15.94 -18.30 -8.01
N TYR A 217 16.88 -17.46 -8.42
CA TYR A 217 17.14 -17.31 -9.83
C TYR A 217 18.67 -17.31 -10.05
N PRO A 218 19.33 -18.37 -9.59
CA PRO A 218 20.81 -18.39 -9.60
C PRO A 218 21.40 -18.46 -11.02
N ASP A 219 20.54 -18.77 -11.99
CA ASP A 219 20.82 -18.75 -13.43
C ASP A 219 20.29 -17.53 -14.24
N ASP A 220 19.83 -16.48 -13.56
CA ASP A 220 19.49 -15.20 -14.22
C ASP A 220 20.33 -14.11 -13.57
N TYR A 221 21.43 -13.75 -14.21
CA TYR A 221 22.39 -12.86 -13.58
C TYR A 221 21.86 -11.44 -13.30
N SER A 222 20.92 -10.96 -14.11
CA SER A 222 20.27 -9.66 -13.87
C SER A 222 19.52 -9.62 -12.51
N GLN A 223 19.21 -10.77 -11.93
CA GLN A 223 18.49 -10.79 -10.67
C GLN A 223 19.43 -10.84 -9.48
N GLY A 224 20.75 -10.85 -9.73
CA GLY A 224 21.70 -10.92 -8.64
C GLY A 224 21.97 -9.60 -7.93
N GLY A 225 22.90 -9.65 -6.97
CA GLY A 225 23.23 -8.53 -6.13
C GLY A 225 23.66 -7.31 -6.90
N THR A 226 23.38 -6.12 -6.35
CA THR A 226 23.73 -4.88 -7.02
C THR A 226 24.84 -4.07 -6.39
N ARG A 227 25.22 -4.40 -5.16
CA ARG A 227 26.00 -3.45 -4.33
C ARG A 227 27.43 -3.31 -4.79
N LEU A 228 27.94 -2.08 -4.75
CA LEU A 228 29.30 -1.77 -5.16
C LEU A 228 30.29 -1.81 -3.98
N ASP A 229 29.77 -1.71 -2.77
CA ASP A 229 30.59 -1.51 -1.56
C ASP A 229 30.99 -2.81 -0.86
N GLY A 230 30.67 -3.95 -1.48
CA GLY A 230 31.09 -5.25 -0.98
C GLY A 230 30.30 -5.79 0.19
N LYS A 231 29.27 -5.03 0.62
CA LYS A 231 28.57 -5.32 1.86
C LYS A 231 27.45 -6.31 1.61
N ASN A 232 27.26 -7.18 2.59
CA ASN A 232 26.09 -8.03 2.73
C ASN A 232 25.22 -7.46 3.86
N LEU A 233 24.19 -6.70 3.49
CA LEU A 233 23.40 -6.02 4.49
C LEU A 233 22.53 -6.96 5.31
N VAL A 234 22.19 -8.12 4.76
CA VAL A 234 21.40 -9.08 5.50
C VAL A 234 22.25 -9.60 6.66
N GLN A 235 23.48 -10.01 6.36
CA GLN A 235 24.39 -10.49 7.40
C GLN A 235 24.69 -9.41 8.42
N GLU A 236 24.87 -8.16 7.99
CA GLU A 236 25.06 -7.08 8.94
C GLU A 236 23.86 -6.90 9.86
N TRP A 237 22.66 -7.00 9.30
CA TRP A 237 21.44 -6.84 10.10
C TRP A 237 21.28 -7.99 11.09
N LEU A 238 21.49 -9.22 10.64
CA LEU A 238 21.45 -10.37 11.54
C LEU A 238 22.48 -10.30 12.70
N ALA A 239 23.66 -9.81 12.38
CA ALA A 239 24.75 -9.73 13.34
C ALA A 239 24.43 -8.79 14.47
N LYS A 240 23.63 -7.78 14.19
CA LYS A 240 23.32 -6.73 15.18
C LYS A 240 22.25 -7.13 16.23
N ARG A 241 21.68 -8.33 16.14
CA ARG A 241 20.51 -8.73 16.95
C ARG A 241 20.43 -10.22 17.29
N GLN A 242 20.17 -10.52 18.56
CA GLN A 242 19.92 -11.90 18.98
C GLN A 242 18.50 -12.28 18.56
N GLY A 243 18.32 -13.52 18.14
CA GLY A 243 17.02 -13.99 17.69
C GLY A 243 16.61 -13.48 16.32
N ALA A 244 17.53 -13.03 15.48
CA ALA A 244 17.12 -12.58 14.15
C ALA A 244 17.16 -13.74 13.15
N ARG A 245 16.26 -13.72 12.18
CA ARG A 245 16.25 -14.72 11.13
C ARG A 245 15.96 -14.02 9.81
N TYR A 246 16.60 -14.51 8.77
CA TYR A 246 16.34 -14.12 7.39
C TYR A 246 15.76 -15.30 6.63
N VAL A 247 14.68 -15.03 5.88
CA VAL A 247 14.01 -16.02 5.04
C VAL A 247 13.75 -15.43 3.64
N TRP A 248 13.69 -16.29 2.64
CA TRP A 248 13.40 -15.89 1.27
C TRP A 248 12.29 -16.69 0.61
N ASN A 249 11.64 -17.57 1.35
CA ASN A 249 10.47 -18.29 0.82
C ASN A 249 9.39 -18.49 1.88
N ARG A 250 8.20 -18.87 1.37
CA ARG A 250 6.99 -18.95 2.16
C ARG A 250 7.08 -19.93 3.32
N THR A 251 7.65 -21.10 3.07
CA THR A 251 7.63 -22.14 4.07
C THR A 251 8.46 -21.72 5.28
N GLU A 252 9.61 -21.14 5.01
CA GLU A 252 10.49 -20.68 6.07
C GLU A 252 9.91 -19.48 6.82
N LEU A 253 9.20 -18.62 6.12
CA LEU A 253 8.50 -17.49 6.76
C LEU A 253 7.51 -17.99 7.78
N MET A 254 6.68 -18.94 7.38
CA MET A 254 5.62 -19.34 8.25
C MET A 254 6.20 -20.09 9.46
N GLN A 255 7.26 -20.88 9.23
CA GLN A 255 8.00 -21.55 10.30
C GLN A 255 8.52 -20.55 11.33
N ALA A 256 9.19 -19.53 10.83
CA ALA A 256 9.81 -18.52 11.66
C ALA A 256 8.75 -17.80 12.47
N SER A 257 7.57 -17.55 11.88
CA SER A 257 6.51 -16.80 12.55
C SER A 257 5.91 -17.56 13.72
N LEU A 258 6.06 -18.89 13.73
CA LEU A 258 5.58 -19.72 14.84
C LEU A 258 6.63 -19.99 15.96
N ASP A 259 7.85 -19.56 15.75
CA ASP A 259 8.97 -19.83 16.64
C ASP A 259 9.18 -18.64 17.61
N PRO A 260 8.83 -18.78 18.89
CA PRO A 260 9.14 -17.71 19.84
C PRO A 260 10.64 -17.78 19.89
N SER A 261 11.34 -16.79 20.35
CA SER A 261 12.80 -16.85 20.14
C SER A 261 13.25 -16.37 18.77
N VAL A 262 12.36 -16.25 17.78
CA VAL A 262 12.78 -15.50 16.59
C VAL A 262 12.92 -13.96 16.91
N THR A 263 11.95 -13.26 17.40
CA THR A 263 12.09 -11.79 17.68
C THR A 263 12.37 -10.76 16.59
N HIS A 264 13.24 -11.04 15.62
CA HIS A 264 13.45 -10.15 14.49
C HIS A 264 13.40 -10.95 13.19
N LEU A 265 12.62 -10.51 12.20
CA LEU A 265 12.41 -11.33 11.01
C LEU A 265 12.50 -10.49 9.78
N MET A 266 13.39 -10.87 8.86
CA MET A 266 13.48 -10.22 7.56
C MET A 266 13.22 -11.26 6.52
N GLY A 267 12.20 -11.04 5.71
CA GLY A 267 11.79 -11.97 4.66
C GLY A 267 11.71 -11.24 3.34
N LEU A 268 12.57 -11.60 2.40
CA LEU A 268 12.68 -10.90 1.12
C LEU A 268 12.49 -11.95 0.01
N PHE A 269 11.36 -11.88 -0.71
CA PHE A 269 10.81 -13.01 -1.42
C PHE A 269 11.01 -12.94 -2.93
N GLU A 270 11.50 -11.79 -3.41
CA GLU A 270 11.93 -11.66 -4.81
C GLU A 270 13.13 -10.72 -4.87
N PRO A 271 13.85 -10.76 -5.99
CA PRO A 271 14.95 -9.80 -6.18
C PRO A 271 14.46 -8.37 -6.18
N GLY A 272 13.36 -8.11 -6.89
CA GLY A 272 12.73 -6.81 -6.93
C GLY A 272 11.36 -6.87 -6.29
N ASP A 273 10.36 -6.36 -6.98
CA ASP A 273 8.99 -6.41 -6.46
C ASP A 273 8.48 -7.85 -6.49
N MET A 274 7.53 -8.13 -5.63
CA MET A 274 6.87 -9.41 -5.62
C MET A 274 6.01 -9.59 -6.87
N LYS A 275 5.77 -10.84 -7.23
CA LYS A 275 4.85 -11.11 -8.31
C LYS A 275 3.44 -10.62 -8.03
N TYR A 276 2.72 -10.22 -9.08
CA TYR A 276 1.27 -10.01 -8.94
C TYR A 276 0.61 -11.29 -8.41
N GLU A 277 -0.46 -11.15 -7.63
CA GLU A 277 -1.14 -12.29 -7.03
C GLU A 277 -1.49 -13.31 -8.07
N ILE A 278 -1.88 -12.86 -9.27
CA ILE A 278 -2.27 -13.78 -10.32
C ILE A 278 -1.09 -14.60 -10.88
N HIS A 279 0.13 -14.15 -10.63
CA HIS A 279 1.33 -14.86 -11.04
C HIS A 279 2.07 -15.55 -9.89
N ARG A 280 1.57 -15.42 -8.68
CA ARG A 280 2.30 -15.85 -7.48
C ARG A 280 2.45 -17.37 -7.49
N ASP A 281 3.65 -17.83 -7.18
CA ASP A 281 3.90 -19.24 -6.93
C ASP A 281 3.56 -19.58 -5.47
N SER A 282 2.48 -20.30 -5.26
CA SER A 282 1.90 -20.50 -3.93
C SER A 282 2.74 -21.43 -3.02
N THR A 283 3.71 -22.16 -3.57
CA THR A 283 4.59 -22.94 -2.72
C THR A 283 5.77 -22.11 -2.24
N LEU A 284 6.24 -21.16 -3.06
CA LEU A 284 7.43 -20.36 -2.75
C LEU A 284 7.16 -18.99 -2.17
N ASP A 285 5.99 -18.41 -2.47
CA ASP A 285 5.74 -17.00 -2.08
C ASP A 285 4.50 -16.81 -1.25
N PRO A 286 4.66 -16.04 -0.19
CA PRO A 286 3.52 -15.77 0.68
C PRO A 286 2.63 -14.70 0.03
N SER A 287 1.33 -14.83 0.19
CA SER A 287 0.42 -13.75 -0.19
C SER A 287 0.56 -12.59 0.80
N LEU A 288 -0.02 -11.45 0.43
CA LEU A 288 -0.02 -10.28 1.30
C LEU A 288 -0.69 -10.62 2.63
N MET A 289 -1.81 -11.32 2.55
CA MET A 289 -2.52 -11.75 3.74
C MET A 289 -1.63 -12.64 4.65
N GLU A 290 -0.88 -13.54 4.03
CA GLU A 290 0.04 -14.43 4.75
C GLU A 290 1.21 -13.69 5.40
N MET A 291 1.78 -12.72 4.67
CA MET A 291 2.82 -11.82 5.23
C MET A 291 2.25 -11.00 6.40
N THR A 292 1.02 -10.52 6.27
CA THR A 292 0.48 -9.75 7.40
C THR A 292 0.22 -10.57 8.64
N GLU A 293 -0.31 -11.77 8.48
CA GLU A 293 -0.44 -12.70 9.59
C GLU A 293 0.91 -13.08 10.23
N ALA A 294 1.94 -13.36 9.41
CA ALA A 294 3.27 -13.69 9.93
C ALA A 294 3.77 -12.53 10.75
N ALA A 295 3.63 -11.31 10.21
CA ALA A 295 4.02 -10.13 10.99
C ALA A 295 3.30 -10.00 12.32
N LEU A 296 1.98 -10.20 12.32
CA LEU A 296 1.22 -10.05 13.52
C LEU A 296 1.57 -11.09 14.62
N ARG A 297 1.88 -12.32 14.22
CA ARG A 297 2.34 -13.34 15.16
C ARG A 297 3.53 -12.85 16.00
N LEU A 298 4.49 -12.21 15.35
CA LEU A 298 5.68 -11.70 16.04
C LEU A 298 5.43 -10.37 16.78
N LEU A 299 4.76 -9.43 16.12
CA LEU A 299 4.58 -8.09 16.69
C LEU A 299 3.68 -8.12 17.91
N SER A 300 2.70 -9.02 17.92
CA SER A 300 1.72 -9.09 19.00
C SER A 300 2.33 -9.59 20.33
N ARG A 301 3.58 -10.07 20.34
CA ARG A 301 4.17 -10.63 21.58
C ARG A 301 4.57 -9.53 22.57
N ASN A 302 4.78 -8.32 22.09
CA ASN A 302 5.21 -7.20 22.91
C ASN A 302 4.03 -6.64 23.71
N PRO A 303 4.14 -6.63 25.04
CA PRO A 303 3.06 -6.07 25.86
C PRO A 303 2.83 -4.58 25.70
N ARG A 304 3.80 -3.84 25.19
CA ARG A 304 3.65 -2.40 24.92
C ARG A 304 2.92 -2.11 23.61
N GLY A 305 2.68 -3.13 22.77
CA GLY A 305 2.01 -2.92 21.50
C GLY A 305 2.95 -2.84 20.30
N PHE A 306 2.35 -2.52 19.14
CA PHE A 306 3.09 -2.51 17.92
C PHE A 306 2.54 -1.46 16.95
N PHE A 307 3.38 -1.10 16.00
CA PHE A 307 3.01 -0.32 14.83
C PHE A 307 3.26 -1.23 13.64
N LEU A 308 2.25 -1.41 12.78
CA LEU A 308 2.46 -2.13 11.54
C LEU A 308 2.01 -1.35 10.31
N PHE A 309 2.85 -1.39 9.29
CA PHE A 309 2.59 -0.80 7.98
C PHE A 309 2.39 -1.97 7.02
N VAL A 310 1.21 -2.03 6.40
CA VAL A 310 0.91 -3.03 5.38
C VAL A 310 0.50 -2.39 4.08
N GLU A 311 1.19 -2.72 2.99
CA GLU A 311 0.96 -2.05 1.72
C GLU A 311 0.52 -3.02 0.61
N GLY A 312 -0.64 -2.74 0.01
CA GLY A 312 -1.03 -3.31 -1.26
C GLY A 312 -0.31 -2.50 -2.29
N GLY A 313 0.94 -2.87 -2.53
CA GLY A 313 1.84 -2.05 -3.32
C GLY A 313 1.74 -2.07 -4.82
N ARG A 314 1.15 -3.10 -5.37
CA ARG A 314 1.14 -3.26 -6.80
C ARG A 314 -0.22 -3.00 -7.41
N ILE A 315 -1.21 -2.58 -6.62
CA ILE A 315 -2.41 -1.93 -7.16
C ILE A 315 -1.97 -0.86 -8.14
N ASP A 316 -1.06 0.00 -7.69
CA ASP A 316 -0.47 1.11 -8.45
C ASP A 316 0.14 0.65 -9.76
N HIS A 317 0.88 -0.45 -9.68
CA HIS A 317 1.63 -0.98 -10.84
C HIS A 317 0.66 -1.50 -11.93
N GLY A 318 -0.42 -2.12 -11.52
CA GLY A 318 -1.48 -2.52 -12.44
C GLY A 318 -2.06 -1.33 -13.21
N HIS A 319 -2.38 -0.25 -12.50
CA HIS A 319 -2.92 0.93 -13.16
C HIS A 319 -1.86 1.54 -14.09
N HIS A 320 -0.60 1.56 -13.68
CA HIS A 320 0.43 2.18 -14.51
C HIS A 320 0.54 1.45 -15.86
N GLU A 321 0.33 0.14 -15.81
CA GLU A 321 0.27 -0.70 -17.02
C GLU A 321 -1.02 -0.56 -17.82
N SER A 322 -1.96 0.20 -17.29
CA SER A 322 -3.34 0.23 -17.78
C SER A 322 -3.97 -1.18 -17.92
N ARG A 323 -3.66 -2.06 -16.97
CA ARG A 323 -4.26 -3.39 -16.88
C ARG A 323 -5.07 -3.46 -15.61
N ALA A 324 -6.32 -3.03 -15.74
CA ALA A 324 -7.24 -2.97 -14.62
C ALA A 324 -7.37 -4.33 -13.97
N TYR A 325 -7.24 -5.40 -14.73
CA TYR A 325 -7.36 -6.76 -14.15
C TYR A 325 -6.34 -6.95 -13.02
N ARG A 326 -5.13 -6.44 -13.24
CA ARG A 326 -4.05 -6.55 -12.26
C ARG A 326 -4.27 -5.58 -11.14
N ALA A 327 -4.64 -4.33 -11.43
CA ALA A 327 -4.90 -3.36 -10.36
C ALA A 327 -6.01 -3.88 -9.41
N LEU A 328 -7.08 -4.41 -9.99
CA LEU A 328 -8.23 -4.81 -9.19
C LEU A 328 -8.01 -6.11 -8.44
N THR A 329 -7.33 -7.09 -9.04
CA THR A 329 -7.02 -8.28 -8.27
C THR A 329 -6.02 -7.96 -7.12
N GLU A 330 -5.08 -7.03 -7.32
CA GLU A 330 -4.22 -6.65 -6.20
C GLU A 330 -5.07 -5.98 -5.08
N THR A 331 -6.10 -5.25 -5.48
CA THR A 331 -6.96 -4.55 -4.51
C THR A 331 -7.75 -5.52 -3.65
N ILE A 332 -8.28 -6.59 -4.26
CA ILE A 332 -9.02 -7.60 -3.56
C ILE A 332 -8.10 -8.27 -2.51
N MET A 333 -6.85 -8.58 -2.89
CA MET A 333 -5.91 -9.27 -1.97
C MET A 333 -5.58 -8.31 -0.81
N PHE A 334 -5.49 -7.03 -1.12
CA PHE A 334 -5.28 -6.01 -0.09
C PHE A 334 -6.42 -5.99 0.89
N ASP A 335 -7.65 -5.99 0.37
CA ASP A 335 -8.83 -6.03 1.23
C ASP A 335 -8.88 -7.35 2.03
N ASP A 336 -8.48 -8.48 1.44
CA ASP A 336 -8.37 -9.74 2.18
C ASP A 336 -7.36 -9.63 3.36
N ALA A 337 -6.26 -8.89 3.18
CA ALA A 337 -5.29 -8.68 4.24
C ALA A 337 -5.86 -7.82 5.36
N ILE A 338 -6.65 -6.80 5.01
CA ILE A 338 -7.34 -5.97 6.00
C ILE A 338 -8.28 -6.82 6.83
N GLU A 339 -9.05 -7.67 6.15
CA GLU A 339 -10.00 -8.54 6.79
C GLU A 339 -9.27 -9.46 7.76
N ARG A 340 -8.16 -10.04 7.32
CA ARG A 340 -7.39 -10.94 8.18
C ARG A 340 -6.82 -10.25 9.41
N ALA A 341 -6.25 -9.06 9.23
CA ALA A 341 -5.70 -8.34 10.36
C ALA A 341 -6.82 -8.00 11.37
N GLY A 342 -8.04 -7.74 10.91
CA GLY A 342 -9.14 -7.46 11.82
C GLY A 342 -9.59 -8.68 12.62
N GLN A 343 -9.30 -9.87 12.08
CA GLN A 343 -9.56 -11.13 12.79
C GLN A 343 -8.55 -11.37 13.88
N LEU A 344 -7.31 -10.86 13.71
CA LEU A 344 -6.19 -11.18 14.58
C LEU A 344 -5.92 -10.09 15.60
N THR A 345 -6.66 -8.99 15.53
CA THR A 345 -6.51 -7.89 16.47
C THR A 345 -7.85 -7.44 16.97
N SER A 346 -7.85 -6.67 18.03
CA SER A 346 -9.09 -6.16 18.63
C SER A 346 -9.25 -4.66 18.36
N GLU A 347 -10.43 -4.25 17.91
CA GLU A 347 -10.70 -2.84 17.75
C GLU A 347 -10.81 -2.09 19.09
N GLU A 348 -10.87 -2.83 20.19
CA GLU A 348 -10.78 -2.22 21.53
C GLU A 348 -9.44 -1.55 21.84
N ASP A 349 -8.33 -2.06 21.28
CA ASP A 349 -7.04 -1.49 21.55
C ASP A 349 -6.16 -1.22 20.32
N THR A 350 -6.71 -1.43 19.11
CA THR A 350 -5.95 -1.26 17.88
C THR A 350 -6.58 -0.24 16.98
N LEU A 351 -5.88 0.84 16.68
CA LEU A 351 -6.37 1.81 15.70
C LEU A 351 -5.88 1.36 14.33
N SER A 352 -6.82 1.14 13.41
CA SER A 352 -6.54 0.69 12.05
C SER A 352 -7.01 1.79 11.10
N LEU A 353 -6.13 2.23 10.20
CA LEU A 353 -6.47 3.16 9.12
C LEU A 353 -6.16 2.50 7.79
N VAL A 354 -7.10 2.59 6.85
CA VAL A 354 -6.92 2.15 5.48
C VAL A 354 -6.95 3.40 4.65
N THR A 355 -5.96 3.55 3.80
CA THR A 355 -6.01 4.68 2.89
C THR A 355 -5.21 4.42 1.65
N ALA A 356 -5.13 5.42 0.80
CA ALA A 356 -4.27 5.37 -0.38
C ALA A 356 -3.31 6.54 -0.39
N ASP A 357 -2.19 6.40 -1.09
CA ASP A 357 -1.32 7.56 -1.20
C ASP A 357 -1.82 8.58 -2.18
N HIS A 358 -2.54 8.14 -3.22
CA HIS A 358 -3.01 9.01 -4.34
C HIS A 358 -3.85 8.07 -5.19
N SER A 359 -4.49 8.62 -6.22
CA SER A 359 -5.33 7.86 -7.10
C SER A 359 -4.63 7.74 -8.49
N HIS A 360 -5.42 7.31 -9.46
CA HIS A 360 -5.03 7.10 -10.83
C HIS A 360 -6.10 7.64 -11.74
N VAL A 361 -5.77 7.87 -13.01
CA VAL A 361 -6.74 8.37 -13.97
C VAL A 361 -7.65 7.24 -14.55
N PHE A 362 -8.18 6.43 -13.63
CA PHE A 362 -8.96 5.23 -13.91
C PHE A 362 -10.41 5.55 -13.80
N SER A 363 -11.23 5.18 -14.77
CA SER A 363 -12.67 5.47 -14.68
C SER A 363 -13.53 4.26 -15.04
N PHE A 364 -14.74 4.29 -14.49
CA PHE A 364 -15.71 3.20 -14.61
C PHE A 364 -17.00 3.84 -15.13
N GLY A 365 -17.34 3.64 -16.40
CA GLY A 365 -18.41 4.33 -17.10
C GLY A 365 -19.11 3.41 -18.08
N GLY A 366 -19.69 3.99 -19.13
CA GLY A 366 -20.73 3.33 -19.88
C GLY A 366 -21.92 3.15 -18.97
N TYR A 367 -22.90 2.38 -19.45
CA TYR A 367 -24.07 2.10 -18.62
C TYR A 367 -24.30 0.61 -18.53
N PRO A 368 -23.37 -0.11 -17.90
CA PRO A 368 -23.51 -1.57 -17.78
C PRO A 368 -24.66 -2.03 -16.90
N LEU A 369 -25.23 -3.18 -17.26
CA LEU A 369 -26.29 -3.80 -16.50
C LEU A 369 -25.79 -4.39 -15.20
N ARG A 370 -26.67 -4.37 -14.20
CA ARG A 370 -26.43 -4.98 -12.92
C ARG A 370 -25.98 -6.44 -13.11
N GLY A 371 -24.88 -6.80 -12.47
CA GLY A 371 -24.32 -8.12 -12.56
C GLY A 371 -23.33 -8.42 -13.66
N SER A 372 -23.15 -7.48 -14.57
CA SER A 372 -22.21 -7.65 -15.66
C SER A 372 -20.78 -7.53 -15.16
N SER A 373 -19.89 -8.22 -15.86
CA SER A 373 -18.46 -8.18 -15.51
C SER A 373 -17.87 -6.78 -15.69
N ILE A 374 -17.10 -6.35 -14.69
CA ILE A 374 -16.39 -5.06 -14.68
C ILE A 374 -15.42 -4.99 -15.87
N PHE A 375 -15.02 -6.14 -16.43
CA PHE A 375 -14.04 -6.17 -17.50
C PHE A 375 -14.73 -6.27 -18.86
N GLY A 376 -16.06 -6.12 -18.85
CA GLY A 376 -16.83 -6.22 -20.06
C GLY A 376 -16.92 -4.92 -20.88
N LEU A 377 -17.64 -5.06 -21.97
CA LEU A 377 -17.93 -3.99 -22.89
C LEU A 377 -19.15 -3.18 -22.44
N ALA A 378 -19.04 -1.86 -22.56
CA ALA A 378 -20.19 -0.98 -22.43
C ALA A 378 -21.29 -1.37 -23.42
N PRO A 379 -22.56 -1.34 -23.01
CA PRO A 379 -23.64 -1.54 -23.97
C PRO A 379 -23.61 -0.45 -25.03
N GLY A 380 -23.77 -0.83 -26.28
CA GLY A 380 -23.86 0.14 -27.36
C GLY A 380 -22.51 0.48 -27.96
N LYS A 381 -22.54 0.83 -29.23
CA LYS A 381 -21.32 1.17 -29.92
C LYS A 381 -20.99 2.64 -29.74
N ALA A 382 -19.71 2.95 -29.90
CA ALA A 382 -19.22 4.32 -29.85
C ALA A 382 -19.55 5.01 -31.17
N ARG A 383 -19.19 6.28 -31.30
CA ARG A 383 -19.51 7.05 -32.49
C ARG A 383 -18.68 6.63 -33.72
N ASP A 384 -17.60 5.92 -33.49
CA ASP A 384 -16.80 5.36 -34.57
C ASP A 384 -17.25 3.95 -34.93
N ARG A 385 -18.41 3.55 -34.40
CA ARG A 385 -19.10 2.30 -34.67
C ARG A 385 -18.41 1.05 -34.14
N LYS A 386 -17.48 1.21 -33.21
CA LYS A 386 -16.83 0.07 -32.57
C LYS A 386 -17.18 0.01 -31.07
N ALA A 387 -16.98 -1.16 -30.50
CA ALA A 387 -17.26 -1.41 -29.10
C ALA A 387 -16.26 -0.64 -28.22
N TYR A 388 -16.62 -0.43 -26.95
CA TYR A 388 -15.67 0.09 -25.98
C TYR A 388 -15.92 -0.51 -24.61
N THR A 389 -14.98 -0.31 -23.68
CA THR A 389 -15.02 -0.96 -22.38
C THR A 389 -15.58 -0.05 -21.31
N VAL A 390 -16.17 -0.66 -20.30
CA VAL A 390 -16.68 0.11 -19.15
C VAL A 390 -15.50 0.73 -18.35
N LEU A 391 -14.36 0.04 -18.33
CA LEU A 391 -13.15 0.57 -17.69
C LEU A 391 -12.26 1.25 -18.70
N LEU A 392 -11.86 2.48 -18.42
CA LEU A 392 -10.95 3.22 -19.29
C LEU A 392 -9.98 4.04 -18.45
N TYR A 393 -8.93 4.52 -19.10
CA TYR A 393 -7.92 5.40 -18.48
C TYR A 393 -7.85 6.72 -19.24
N GLY A 394 -7.51 7.80 -18.56
CA GLY A 394 -7.31 9.10 -19.18
C GLY A 394 -6.09 9.08 -20.11
N ASN A 395 -5.03 8.45 -19.65
CA ASN A 395 -3.77 8.35 -20.37
C ASN A 395 -3.12 6.99 -20.08
N GLY A 396 -2.04 6.68 -20.81
CA GLY A 396 -1.28 5.46 -20.58
C GLY A 396 -1.16 4.58 -21.83
N PRO A 397 -0.60 3.41 -21.63
CA PRO A 397 -0.15 2.52 -22.71
C PRO A 397 -1.20 1.65 -23.37
N GLY A 398 -2.48 1.82 -23.01
CA GLY A 398 -3.59 1.20 -23.70
C GLY A 398 -4.05 1.93 -24.97
N TYR A 399 -3.50 3.13 -25.20
CA TYR A 399 -3.86 3.91 -26.38
C TYR A 399 -3.30 3.19 -27.59
N VAL A 400 -4.20 2.89 -28.52
CA VAL A 400 -3.83 2.23 -29.75
C VAL A 400 -4.55 2.81 -30.94
N LEU A 401 -3.82 2.83 -32.05
CA LEU A 401 -4.33 3.08 -33.40
C LEU A 401 -3.85 1.99 -34.34
N LYS A 402 -4.78 1.11 -34.78
CA LYS A 402 -4.49 0.10 -35.80
C LYS A 402 -5.09 0.51 -37.15
N ASP A 403 -4.22 0.65 -38.17
CA ASP A 403 -4.60 1.20 -39.48
C ASP A 403 -5.21 2.60 -39.35
N GLY A 404 -4.66 3.41 -38.45
CA GLY A 404 -5.11 4.78 -38.23
C GLY A 404 -6.48 4.92 -37.55
N ALA A 405 -6.95 3.84 -36.92
CA ALA A 405 -8.28 3.81 -36.28
C ALA A 405 -8.24 3.21 -34.86
N ARG A 406 -9.17 3.59 -34.00
CA ARG A 406 -9.30 2.96 -32.69
C ARG A 406 -9.70 1.50 -32.90
N PRO A 407 -9.05 0.55 -32.22
CA PRO A 407 -9.44 -0.84 -32.40
C PRO A 407 -10.76 -1.19 -31.72
N ASP A 408 -11.48 -2.08 -32.39
CA ASP A 408 -12.64 -2.70 -31.84
C ASP A 408 -12.11 -3.57 -30.70
N VAL A 409 -13.01 -4.00 -29.83
CA VAL A 409 -12.62 -4.89 -28.75
C VAL A 409 -13.76 -5.84 -28.54
N THR A 410 -13.43 -7.09 -28.22
CA THR A 410 -14.42 -8.14 -27.87
C THR A 410 -14.43 -8.41 -26.37
N GLU A 411 -15.45 -9.08 -25.87
CA GLU A 411 -15.54 -9.50 -24.47
C GLU A 411 -14.38 -10.44 -24.06
N SER A 412 -14.01 -11.35 -24.95
CA SER A 412 -12.93 -12.29 -24.65
C SER A 412 -11.61 -11.54 -24.52
N GLU A 413 -11.41 -10.56 -25.38
CA GLU A 413 -10.22 -9.72 -25.31
C GLU A 413 -10.20 -8.88 -24.03
N SER A 414 -11.32 -8.22 -23.75
CA SER A 414 -11.39 -7.26 -22.64
C SER A 414 -11.29 -7.89 -21.27
N GLY A 415 -11.63 -9.18 -21.16
CA GLY A 415 -11.56 -9.91 -19.90
C GLY A 415 -10.24 -10.58 -19.61
N SER A 416 -9.27 -10.47 -20.52
CA SER A 416 -7.96 -11.14 -20.36
C SER A 416 -7.11 -10.44 -19.30
N PRO A 417 -6.34 -11.20 -18.49
CA PRO A 417 -5.46 -10.57 -17.48
C PRO A 417 -4.33 -9.73 -18.06
N GLU A 418 -4.03 -9.82 -19.35
CA GLU A 418 -3.04 -8.99 -19.99
C GLU A 418 -3.66 -7.80 -20.72
N TYR A 419 -5.00 -7.70 -20.72
CA TYR A 419 -5.64 -6.67 -21.52
C TYR A 419 -5.33 -5.28 -20.96
N ARG A 420 -4.93 -4.35 -21.84
CA ARG A 420 -4.78 -2.96 -21.47
C ARG A 420 -5.96 -2.12 -21.94
N GLN A 421 -6.66 -1.47 -21.00
CA GLN A 421 -7.78 -0.62 -21.37
C GLN A 421 -7.30 0.61 -22.13
N GLN A 422 -8.10 1.05 -23.10
CA GLN A 422 -7.79 2.23 -23.89
C GLN A 422 -7.74 3.53 -23.04
N SER A 423 -7.01 4.51 -23.54
CA SER A 423 -6.88 5.84 -22.97
C SER A 423 -6.96 6.90 -24.04
N ALA A 424 -7.01 8.15 -23.60
CA ALA A 424 -7.05 9.34 -24.47
C ALA A 424 -5.69 9.72 -25.08
N VAL A 425 -4.61 9.36 -24.37
CA VAL A 425 -3.29 9.91 -24.62
C VAL A 425 -2.26 8.81 -24.37
N PRO A 426 -1.42 8.49 -25.34
CA PRO A 426 -0.43 7.43 -25.14
C PRO A 426 0.74 7.85 -24.30
N LEU A 427 0.98 7.10 -23.25
CA LEU A 427 2.19 7.24 -22.43
C LEU A 427 2.67 5.84 -22.11
N ASP A 428 3.96 5.70 -21.86
CA ASP A 428 4.53 4.41 -21.49
C ASP A 428 3.92 3.91 -20.19
N GLU A 429 3.63 4.85 -19.29
CA GLU A 429 2.95 4.56 -18.05
C GLU A 429 1.82 5.52 -17.84
N GLU A 430 0.67 4.96 -17.45
CA GLU A 430 -0.45 5.79 -17.04
C GLU A 430 -0.01 6.62 -15.81
N THR A 431 -0.64 7.76 -15.65
CA THR A 431 -0.28 8.69 -14.63
C THR A 431 -1.15 8.55 -13.36
N HIS A 432 -0.54 8.91 -12.23
CA HIS A 432 -1.30 9.15 -11.02
C HIS A 432 -2.35 10.24 -11.32
N ALA A 433 -3.33 10.35 -10.42
CA ALA A 433 -4.32 11.42 -10.40
C ALA A 433 -4.30 12.16 -9.09
N GLY A 434 -4.81 13.39 -9.14
CA GLY A 434 -4.72 14.36 -8.07
C GLY A 434 -5.89 14.44 -7.11
N GLU A 435 -6.96 13.68 -7.37
CA GLU A 435 -8.17 13.83 -6.57
C GLU A 435 -8.04 13.25 -5.17
N ASP A 436 -8.91 13.72 -4.29
CA ASP A 436 -8.88 13.29 -2.89
C ASP A 436 -9.09 11.76 -2.84
N VAL A 437 -8.50 11.17 -1.83
CA VAL A 437 -8.68 9.74 -1.62
C VAL A 437 -9.36 9.51 -0.29
N ALA A 438 -9.88 8.32 -0.09
CA ALA A 438 -10.54 7.98 1.15
C ALA A 438 -9.57 7.53 2.24
N VAL A 439 -9.97 7.81 3.49
CA VAL A 439 -9.38 7.26 4.70
C VAL A 439 -10.48 6.55 5.45
N PHE A 440 -10.30 5.26 5.77
CA PHE A 440 -11.25 4.49 6.54
C PHE A 440 -10.60 4.24 7.92
N ALA A 441 -11.34 4.37 9.02
CA ALA A 441 -10.71 4.14 10.30
C ALA A 441 -11.60 3.40 11.26
N ARG A 442 -10.97 2.56 12.06
CA ARG A 442 -11.67 1.90 13.18
C ARG A 442 -10.77 1.75 14.39
N GLY A 443 -11.35 1.69 15.58
CA GLY A 443 -10.59 1.52 16.82
C GLY A 443 -10.47 2.78 17.65
N PRO A 444 -9.60 2.77 18.68
CA PRO A 444 -9.51 3.88 19.63
C PRO A 444 -9.08 5.18 18.95
N GLN A 445 -9.88 6.23 19.14
CA GLN A 445 -9.70 7.55 18.55
C GLN A 445 -9.98 7.63 17.03
N ALA A 446 -10.56 6.59 16.48
CA ALA A 446 -10.89 6.56 15.04
C ALA A 446 -11.94 7.62 14.67
N HIS A 447 -12.78 8.01 15.66
CA HIS A 447 -13.81 9.04 15.45
C HIS A 447 -13.21 10.41 15.10
N LEU A 448 -11.89 10.59 15.28
CA LEU A 448 -11.18 11.82 14.95
C LEU A 448 -10.92 11.94 13.47
N VAL A 449 -10.96 10.80 12.78
CA VAL A 449 -10.83 10.77 11.34
C VAL A 449 -12.18 11.18 10.79
N HIS A 450 -12.28 12.39 10.25
CA HIS A 450 -13.56 12.93 9.80
C HIS A 450 -13.29 14.06 8.78
N GLY A 451 -14.30 14.35 7.98
CA GLY A 451 -14.32 15.53 7.14
C GLY A 451 -13.32 15.43 6.01
N VAL A 452 -12.78 16.59 5.61
CA VAL A 452 -11.80 16.68 4.53
C VAL A 452 -10.53 17.22 5.23
N GLN A 453 -9.46 16.45 5.15
CA GLN A 453 -8.23 16.76 5.85
C GLN A 453 -7.03 16.72 4.92
N GLU A 454 -5.97 17.41 5.31
CA GLU A 454 -4.67 17.20 4.67
C GLU A 454 -4.19 15.79 4.94
N GLN A 455 -3.45 15.20 4.01
CA GLN A 455 -2.94 13.84 4.15
C GLN A 455 -2.06 13.64 5.37
N THR A 456 -1.43 14.72 5.82
CA THR A 456 -0.64 14.72 7.07
C THR A 456 -1.42 14.34 8.31
N PHE A 457 -2.74 14.58 8.30
CA PHE A 457 -3.60 14.18 9.41
C PHE A 457 -3.47 12.69 9.76
N ILE A 458 -3.19 11.85 8.78
CA ILE A 458 -3.09 10.41 9.02
C ILE A 458 -1.99 10.09 10.07
N ALA A 459 -0.81 10.72 9.89
CA ALA A 459 0.31 10.44 10.78
C ALA A 459 -0.03 11.01 12.15
N HIS A 460 -0.63 12.17 12.17
CA HIS A 460 -0.88 12.89 13.43
C HIS A 460 -1.92 12.21 14.28
N VAL A 461 -3.01 11.74 13.68
CA VAL A 461 -4.04 11.06 14.44
C VAL A 461 -3.46 9.74 15.02
N MET A 462 -2.61 9.07 14.27
CA MET A 462 -2.00 7.83 14.78
C MET A 462 -1.08 8.12 15.97
N ALA A 463 -0.26 9.18 15.87
CA ALA A 463 0.63 9.55 16.96
C ALA A 463 -0.19 9.91 18.19
N PHE A 464 -1.24 10.69 17.97
CA PHE A 464 -2.10 11.13 19.08
C PHE A 464 -2.77 9.93 19.77
N ALA A 465 -3.36 9.05 18.98
CA ALA A 465 -4.10 7.91 19.53
C ALA A 465 -3.24 7.02 20.42
N ALA A 466 -1.97 6.85 20.06
CA ALA A 466 -1.01 6.03 20.82
C ALA A 466 -0.17 6.81 21.82
N CYS A 467 -0.47 8.10 21.98
CA CYS A 467 0.23 8.99 22.92
C CYS A 467 1.75 9.07 22.67
N LEU A 468 2.11 9.09 21.39
CA LEU A 468 3.46 9.27 20.98
C LEU A 468 3.75 10.71 20.64
N GLU A 469 5.03 10.99 20.41
CA GLU A 469 5.42 11.93 19.29
C GLU A 469 5.12 13.17 19.86
N PRO A 470 4.56 14.19 19.18
CA PRO A 470 4.45 15.41 19.96
C PRO A 470 3.25 15.37 20.91
N TYR A 471 2.57 14.21 21.04
CA TYR A 471 1.30 14.11 21.76
C TYR A 471 1.42 13.19 22.98
N THR A 472 2.58 13.23 23.60
CA THR A 472 2.73 12.59 24.88
C THR A 472 1.92 13.58 25.74
N ALA A 473 1.20 13.19 26.75
CA ALA A 473 0.22 14.19 27.26
C ALA A 473 -0.98 14.37 26.31
N CYS A 474 -1.30 13.33 25.56
CA CYS A 474 -2.61 13.16 24.96
C CYS A 474 -3.45 13.18 26.21
N ASP A 475 -4.74 13.31 26.14
CA ASP A 475 -5.36 13.29 27.48
C ASP A 475 -6.05 11.96 27.79
N LEU A 476 -5.47 10.87 27.32
CA LEU A 476 -6.22 9.63 27.17
C LEU A 476 -5.97 8.63 28.31
N ALA A 477 -7.00 7.85 28.64
CA ALA A 477 -6.83 6.73 29.55
C ALA A 477 -6.04 5.62 28.84
N PRO A 478 -5.46 4.68 29.60
CA PRO A 478 -4.67 3.62 28.97
C PRO A 478 -5.53 2.69 28.12
N PRO A 479 -4.90 1.98 27.18
CA PRO A 479 -5.67 1.14 26.26
C PRO A 479 -6.58 0.15 26.95
C1 NAG B . 24.43 21.63 -3.87
C2 NAG B . 24.57 23.11 -3.49
C3 NAG B . 24.46 24.03 -4.71
C4 NAG B . 25.50 23.61 -5.74
C5 NAG B . 25.61 22.09 -5.99
C6 NAG B . 27.00 21.80 -6.54
C7 NAG B . 23.98 23.66 -1.19
C8 NAG B . 22.89 23.92 -0.19
N2 NAG B . 23.62 23.55 -2.47
O3 NAG B . 24.77 25.35 -4.31
O4 NAG B . 25.26 24.25 -7.00
O5 NAG B . 25.44 21.29 -4.82
O6 NAG B . 26.95 21.41 -7.89
O7 NAG B . 25.15 23.56 -0.81
C1 NAG C . 13.18 -22.26 1.46
C2 NAG C . 13.52 -23.44 0.55
C3 NAG C . 14.30 -24.55 1.27
C4 NAG C . 15.55 -23.94 1.89
C5 NAG C . 15.10 -22.80 2.79
C6 NAG C . 16.24 -22.10 3.48
C7 NAG C . 12.34 -24.09 -1.45
C8 NAG C . 11.16 -24.79 -2.06
N2 NAG C . 12.36 -23.98 -0.12
O3 NAG C . 14.64 -25.51 0.31
O4 NAG C . 16.28 -24.86 2.67
O5 NAG C . 14.41 -21.83 2.01
O6 NAG C . 17.21 -21.77 2.50
O7 NAG C . 13.24 -23.68 -2.18
ZN ZN D . 2.67 4.97 -9.02
ZN ZN E . 1.78 5.50 -5.13
MG MG F . 4.07 2.05 -2.89
SR SR G . 9.85 -15.89 -4.83
#